data_9KAT
#
_entry.id   9KAT
#
_cell.length_a   75.077
_cell.length_b   79.659
_cell.length_c   85.604
_cell.angle_alpha   90.00
_cell.angle_beta   90.00
_cell.angle_gamma   90.00
#
_symmetry.space_group_name_H-M   'P 21 21 21'
#
loop_
_entity.id
_entity.type
_entity.pdbx_description
1 polymer 'anti-sulfonylurea antibody scFv'
2 water water
#
_entity_poly.entity_id   1
_entity_poly.type   'polypeptide(L)'
_entity_poly.pdbx_seq_one_letter_code
;MRAWIFFLLCLAGRALAQVQLKESGPGLVAPSQSLSITCTVSGLSLPGYGVNWVRQPPGKGLEWLGMIWDDGRTDYNSAL
KSRLSISKDNSKSQVFLKMNSLQTDDTARYYCVRNVYWGQGTLVTVSAGGGGSGGGGSGGGGSQAVVTQESALTTSPGET
VTLTCRSSTGAVTTSNYANWVQEKPDHLFSGLISGTNNRAPGVPARFSGSLIGDTAALTITGAQTEDEAIYFCALWYSNH
WVFGGGSKLTVLGSHHHHHH
;
_entity_poly.pdbx_strand_id   A,B
#
# COMPACT_ATOMS: atom_id res chain seq x y z
N GLN A 20 -14.79 -0.29 9.56
CA GLN A 20 -14.65 -1.26 10.62
C GLN A 20 -13.45 -2.21 10.41
N LEU A 21 -13.00 -2.37 9.16
CA LEU A 21 -11.82 -3.19 8.88
C LEU A 21 -10.82 -2.35 8.09
N LYS A 22 -9.54 -2.47 8.41
CA LYS A 22 -8.57 -1.73 7.63
C LYS A 22 -7.29 -2.53 7.45
N GLU A 23 -6.83 -2.62 6.20
CA GLU A 23 -5.61 -3.34 5.85
C GLU A 23 -4.40 -2.40 5.89
N SER A 24 -3.29 -2.92 6.42
CA SER A 24 -1.98 -2.27 6.40
C SER A 24 -1.04 -3.24 5.69
N GLY A 25 -0.60 -2.88 4.49
CA GLY A 25 0.33 -3.68 3.74
C GLY A 25 1.54 -2.88 3.35
N PRO A 26 2.53 -3.55 2.74
CA PRO A 26 3.84 -2.93 2.52
C PRO A 26 3.99 -2.13 1.24
N GLY A 27 2.99 -2.12 0.37
CA GLY A 27 3.07 -1.37 -0.86
C GLY A 27 3.81 -2.13 -1.95
N LEU A 28 5.07 -2.45 -1.69
CA LEU A 28 5.94 -3.17 -2.60
C LEU A 28 6.49 -4.39 -1.89
N VAL A 29 6.59 -5.51 -2.62
CA VAL A 29 7.24 -6.73 -2.15
C VAL A 29 8.19 -7.16 -3.26
N ALA A 30 9.39 -7.65 -2.88
CA ALA A 30 10.32 -8.05 -3.92
C ALA A 30 10.07 -9.50 -4.34
N PRO A 31 10.35 -9.85 -5.60
CA PRO A 31 10.09 -11.23 -6.03
C PRO A 31 10.84 -12.24 -5.18
N SER A 32 10.13 -13.33 -4.86
CA SER A 32 10.53 -14.48 -4.04
C SER A 32 10.45 -14.18 -2.53
N GLN A 33 10.16 -12.94 -2.12
CA GLN A 33 10.00 -12.58 -0.72
C GLN A 33 8.55 -12.75 -0.27
N SER A 34 8.33 -12.60 1.03
CA SER A 34 6.98 -12.80 1.56
C SER A 34 6.21 -11.50 1.71
N LEU A 35 4.89 -11.67 1.82
CA LEU A 35 3.96 -10.57 1.97
C LEU A 35 3.34 -10.75 3.33
N SER A 36 3.30 -9.67 4.11
CA SER A 36 2.61 -9.65 5.38
C SER A 36 1.63 -8.48 5.38
N ILE A 37 0.36 -8.75 5.65
CA ILE A 37 -0.65 -7.72 5.76
C ILE A 37 -1.36 -7.85 7.11
N THR A 38 -1.61 -6.72 7.75
CA THR A 38 -2.34 -6.65 9.00
C THR A 38 -3.75 -6.11 8.75
N CYS A 39 -4.76 -6.78 9.28
CA CYS A 39 -6.14 -6.33 9.25
C CYS A 39 -6.54 -5.91 10.66
N THR A 40 -6.79 -4.62 10.86
CA THR A 40 -7.23 -4.14 12.17
C THR A 40 -8.75 -4.02 12.14
N VAL A 41 -9.41 -4.74 13.06
CA VAL A 41 -10.85 -4.75 13.15
C VAL A 41 -11.28 -3.83 14.29
N SER A 42 -12.24 -2.96 14.01
CA SER A 42 -12.77 -2.07 15.02
C SER A 42 -14.29 -2.09 14.91
N GLY A 43 -14.99 -2.00 16.05
CA GLY A 43 -16.42 -1.86 15.88
C GLY A 43 -17.37 -2.88 16.47
N LEU A 44 -18.58 -2.93 15.87
CA LEU A 44 -19.69 -3.74 16.34
C LEU A 44 -19.72 -5.05 15.57
N SER A 45 -19.66 -6.14 16.33
CA SER A 45 -19.10 -7.36 15.80
C SER A 45 -19.75 -8.56 16.45
N LEU A 46 -20.60 -9.29 15.72
CA LEU A 46 -21.19 -10.53 16.24
C LEU A 46 -20.18 -11.69 16.18
N PRO A 47 -20.12 -12.53 17.21
CA PRO A 47 -19.14 -13.64 17.20
C PRO A 47 -19.49 -14.75 16.22
N GLY A 48 -18.44 -15.47 15.81
CA GLY A 48 -18.55 -16.69 15.03
C GLY A 48 -18.41 -16.61 13.53
N TYR A 49 -18.08 -15.45 12.95
CA TYR A 49 -18.06 -15.36 11.51
C TYR A 49 -16.66 -15.38 10.90
N GLY A 50 -15.62 -15.30 11.72
CA GLY A 50 -14.25 -15.26 11.24
C GLY A 50 -13.92 -14.09 10.32
N VAL A 51 -12.69 -14.06 9.82
CA VAL A 51 -12.20 -13.02 8.93
C VAL A 51 -11.59 -13.70 7.71
N ASN A 52 -11.99 -13.24 6.53
CA ASN A 52 -11.57 -13.77 5.24
C ASN A 52 -10.54 -12.83 4.61
N TRP A 53 -9.68 -13.40 3.78
CA TRP A 53 -8.76 -12.66 2.94
C TRP A 53 -9.07 -13.01 1.49
N VAL A 54 -9.19 -11.95 0.66
CA VAL A 54 -9.56 -12.01 -0.75
C VAL A 54 -8.59 -11.12 -1.52
N ARG A 55 -8.30 -11.46 -2.77
CA ARG A 55 -7.51 -10.55 -3.58
C ARG A 55 -8.09 -10.44 -4.98
N GLN A 56 -7.75 -9.33 -5.62
CA GLN A 56 -8.17 -9.08 -7.00
C GLN A 56 -7.02 -8.45 -7.77
N PRO A 57 -6.39 -9.20 -8.70
CA PRO A 57 -5.38 -8.57 -9.53
C PRO A 57 -6.02 -7.60 -10.46
N PRO A 58 -5.29 -6.58 -10.91
CA PRO A 58 -5.87 -5.56 -11.80
C PRO A 58 -6.42 -6.21 -13.07
N GLY A 59 -7.63 -5.80 -13.44
CA GLY A 59 -8.28 -6.38 -14.59
C GLY A 59 -8.81 -7.79 -14.42
N LYS A 60 -8.63 -8.41 -13.26
CA LYS A 60 -8.99 -9.81 -13.14
C LYS A 60 -10.11 -9.98 -12.11
N GLY A 61 -10.53 -11.24 -11.90
CA GLY A 61 -11.60 -11.53 -10.96
C GLY A 61 -11.13 -11.67 -9.53
N LEU A 62 -12.11 -11.86 -8.63
CA LEU A 62 -11.83 -12.03 -7.21
C LEU A 62 -11.34 -13.44 -6.93
N GLU A 63 -10.33 -13.55 -6.08
CA GLU A 63 -9.81 -14.85 -5.67
C GLU A 63 -9.83 -14.92 -4.15
N TRP A 64 -10.46 -15.96 -3.64
CA TRP A 64 -10.48 -16.19 -2.20
C TRP A 64 -9.16 -16.82 -1.78
N LEU A 65 -8.57 -16.28 -0.71
CA LEU A 65 -7.30 -16.81 -0.26
C LEU A 65 -7.47 -17.72 0.93
N GLY A 66 -8.25 -17.29 1.91
CA GLY A 66 -8.39 -18.11 3.10
C GLY A 66 -9.12 -17.34 4.18
N MET A 67 -9.38 -18.02 5.29
CA MET A 67 -10.02 -17.37 6.43
C MET A 67 -9.49 -17.95 7.73
N ILE A 68 -9.63 -17.16 8.79
CA ILE A 68 -9.47 -17.65 10.15
C ILE A 68 -10.78 -17.46 10.91
N TRP A 69 -11.26 -18.53 11.53
CA TRP A 69 -12.46 -18.51 12.34
C TRP A 69 -12.17 -17.91 13.70
N ASP A 70 -13.24 -17.49 14.40
CA ASP A 70 -13.07 -16.90 15.73
C ASP A 70 -12.39 -17.87 16.70
N ASP A 71 -12.60 -19.18 16.52
CA ASP A 71 -11.95 -20.15 17.38
C ASP A 71 -10.52 -20.47 16.95
N GLY A 72 -10.02 -19.77 15.92
CA GLY A 72 -8.64 -19.92 15.53
C GLY A 72 -8.41 -20.90 14.41
N ARG A 73 -9.39 -21.75 14.07
CA ARG A 73 -9.24 -22.65 12.94
C ARG A 73 -9.09 -21.87 11.65
N THR A 74 -8.23 -22.36 10.77
CA THR A 74 -7.99 -21.74 9.48
C THR A 74 -8.46 -22.66 8.35
N ASP A 75 -8.93 -22.01 7.29
CA ASP A 75 -9.31 -22.69 6.04
C ASP A 75 -8.68 -21.94 4.89
N TYR A 76 -8.18 -22.66 3.88
CA TYR A 76 -7.44 -22.05 2.78
C TYR A 76 -7.94 -22.48 1.41
N ASN A 77 -7.70 -21.60 0.43
CA ASN A 77 -7.78 -21.98 -0.97
C ASN A 77 -6.77 -23.08 -1.21
N SER A 78 -7.24 -24.25 -1.64
CA SER A 78 -6.35 -25.41 -1.74
C SER A 78 -5.23 -25.21 -2.75
N ALA A 79 -5.46 -24.42 -3.79
CA ALA A 79 -4.41 -24.18 -4.79
C ALA A 79 -3.30 -23.29 -4.26
N LEU A 80 -3.56 -22.47 -3.24
CA LEU A 80 -2.58 -21.56 -2.68
C LEU A 80 -2.16 -21.93 -1.25
N LYS A 81 -2.75 -22.98 -0.68
CA LYS A 81 -2.49 -23.38 0.70
C LYS A 81 -1.01 -23.47 1.04
N SER A 82 -0.19 -24.03 0.14
CA SER A 82 1.21 -24.21 0.49
C SER A 82 1.97 -22.90 0.68
N ARG A 83 1.38 -21.77 0.30
CA ARG A 83 2.06 -20.48 0.41
C ARG A 83 1.47 -19.57 1.50
N LEU A 84 0.40 -19.99 2.17
CA LEU A 84 -0.41 -19.07 2.97
C LEU A 84 -0.37 -19.41 4.45
N SER A 85 -0.31 -18.38 5.30
CA SER A 85 -0.51 -18.56 6.72
C SER A 85 -1.36 -17.40 7.24
N ILE A 86 -2.43 -17.72 7.94
CA ILE A 86 -3.32 -16.72 8.50
C ILE A 86 -3.31 -16.88 10.00
N SER A 87 -3.27 -15.76 10.71
CA SER A 87 -3.19 -15.80 12.17
C SER A 87 -3.97 -14.64 12.78
N LYS A 88 -4.01 -14.60 14.11
CA LYS A 88 -4.72 -13.51 14.78
C LYS A 88 -4.05 -13.21 16.10
N ASP A 89 -4.34 -12.03 16.63
CA ASP A 89 -3.88 -11.60 17.95
C ASP A 89 -5.07 -10.84 18.53
N ASN A 90 -5.79 -11.51 19.44
CA ASN A 90 -7.01 -10.90 19.96
C ASN A 90 -6.69 -9.76 20.92
N SER A 91 -5.50 -9.73 21.52
CA SER A 91 -5.15 -8.58 22.35
C SER A 91 -5.01 -7.31 21.53
N LYS A 92 -4.62 -7.44 20.26
CA LYS A 92 -4.50 -6.31 19.35
C LYS A 92 -5.72 -6.09 18.47
N SER A 93 -6.72 -6.98 18.52
CA SER A 93 -7.86 -6.92 17.61
C SER A 93 -7.40 -6.99 16.16
N GLN A 94 -6.45 -7.88 15.87
CA GLN A 94 -5.87 -7.90 14.54
C GLN A 94 -5.85 -9.32 13.98
N VAL A 95 -5.98 -9.41 12.66
CA VAL A 95 -5.85 -10.64 11.91
C VAL A 95 -4.75 -10.42 10.89
N PHE A 96 -3.97 -11.44 10.61
CA PHE A 96 -2.78 -11.31 9.77
C PHE A 96 -2.82 -12.29 8.61
N LEU A 97 -2.35 -11.82 7.45
CA LEU A 97 -2.10 -12.67 6.28
C LEU A 97 -0.61 -12.69 5.98
N LYS A 98 -0.06 -13.89 5.76
CA LYS A 98 1.30 -14.04 5.26
C LYS A 98 1.24 -14.91 4.03
N MET A 99 1.92 -14.49 2.97
CA MET A 99 1.97 -15.29 1.76
C MET A 99 3.41 -15.31 1.28
N ASN A 100 3.94 -16.49 1.00
CA ASN A 100 5.36 -16.55 0.68
C ASN A 100 5.60 -16.57 -0.82
N SER A 101 6.87 -16.33 -1.18
CA SER A 101 7.40 -16.48 -2.54
C SER A 101 6.61 -15.69 -3.59
N LEU A 102 6.42 -14.38 -3.36
CA LEU A 102 5.63 -13.61 -4.31
C LEU A 102 6.29 -13.47 -5.67
N GLN A 103 5.46 -13.48 -6.71
CA GLN A 103 5.84 -13.29 -8.09
C GLN A 103 4.85 -12.32 -8.72
N THR A 104 5.10 -11.93 -9.98
CA THR A 104 4.28 -10.90 -10.63
C THR A 104 2.79 -11.20 -10.59
N ASP A 105 2.40 -12.47 -10.71
CA ASP A 105 0.97 -12.74 -10.70
C ASP A 105 0.32 -12.52 -9.34
N ASP A 106 1.11 -12.23 -8.29
CA ASP A 106 0.56 -11.89 -6.99
C ASP A 106 0.30 -10.39 -6.82
N THR A 107 0.70 -9.55 -7.77
CA THR A 107 0.32 -8.13 -7.72
C THR A 107 -1.19 -8.01 -7.75
N ALA A 108 -1.77 -7.35 -6.75
CA ALA A 108 -3.21 -7.36 -6.60
C ALA A 108 -3.59 -6.41 -5.46
N ARG A 109 -4.87 -6.07 -5.39
CA ARG A 109 -5.42 -5.46 -4.19
C ARG A 109 -5.89 -6.55 -3.25
N TYR A 110 -5.48 -6.47 -1.99
CA TYR A 110 -5.77 -7.45 -0.95
C TYR A 110 -6.76 -6.87 0.05
N TYR A 111 -7.78 -7.67 0.40
CA TYR A 111 -8.88 -7.24 1.25
C TYR A 111 -9.09 -8.20 2.39
N CYS A 112 -9.35 -7.67 3.58
CA CYS A 112 -9.92 -8.51 4.63
C CYS A 112 -11.42 -8.22 4.72
N VAL A 113 -12.17 -9.26 5.06
CA VAL A 113 -13.63 -9.27 4.99
C VAL A 113 -14.16 -9.95 6.23
N ARG A 114 -15.10 -9.32 6.91
CA ARG A 114 -15.80 -9.99 8.00
C ARG A 114 -17.28 -9.97 7.70
N ASN A 115 -17.82 -11.14 7.35
CA ASN A 115 -19.24 -11.23 7.02
C ASN A 115 -19.47 -10.28 5.84
N VAL A 116 -20.26 -9.22 6.05
CA VAL A 116 -20.58 -8.29 4.97
C VAL A 116 -19.68 -7.06 4.96
N TYR A 117 -18.69 -6.98 5.83
CA TYR A 117 -17.88 -5.77 5.96
C TYR A 117 -16.51 -5.97 5.29
N TRP A 118 -16.21 -5.13 4.32
CA TRP A 118 -14.97 -5.19 3.55
C TRP A 118 -14.07 -4.03 3.94
N GLY A 119 -12.77 -4.31 4.08
CA GLY A 119 -11.82 -3.24 4.17
C GLY A 119 -11.71 -2.48 2.87
N GLN A 120 -11.00 -1.34 2.93
CA GLN A 120 -10.77 -0.54 1.73
C GLN A 120 -9.82 -1.24 0.76
N GLY A 121 -9.06 -2.22 1.25
CA GLY A 121 -8.10 -2.94 0.45
C GLY A 121 -6.74 -2.25 0.42
N THR A 122 -5.71 -3.04 0.11
CA THR A 122 -4.38 -2.47 -0.02
C THR A 122 -3.72 -3.05 -1.26
N LEU A 123 -3.16 -2.16 -2.09
CA LEU A 123 -2.48 -2.60 -3.30
C LEU A 123 -1.09 -3.12 -2.95
N VAL A 124 -0.77 -4.32 -3.42
CA VAL A 124 0.55 -4.92 -3.33
C VAL A 124 1.09 -5.09 -4.73
N THR A 125 2.23 -4.47 -4.99
CA THR A 125 2.90 -4.55 -6.28
C THR A 125 4.23 -5.28 -6.08
N VAL A 126 4.45 -6.34 -6.87
CA VAL A 126 5.71 -7.07 -6.79
C VAL A 126 6.70 -6.39 -7.72
N SER A 127 7.84 -5.99 -7.15
CA SER A 127 8.79 -5.11 -7.82
C SER A 127 10.20 -5.46 -7.36
N ALA A 128 11.10 -5.67 -8.31
CA ALA A 128 12.48 -6.03 -8.02
C ALA A 128 13.31 -4.88 -7.43
N GLN A 144 -12.18 -26.49 -9.85
CA GLN A 144 -12.42 -26.19 -8.45
C GLN A 144 -13.97 -26.26 -8.65
N ALA A 145 -14.80 -25.73 -7.76
CA ALA A 145 -16.20 -25.51 -8.13
C ALA A 145 -16.29 -24.17 -8.88
N VAL A 146 -17.27 -24.05 -9.78
CA VAL A 146 -17.41 -22.85 -10.60
C VAL A 146 -18.75 -22.18 -10.31
N VAL A 147 -18.72 -20.87 -10.08
CA VAL A 147 -19.89 -20.06 -9.77
C VAL A 147 -20.14 -19.09 -10.92
N THR A 148 -21.37 -19.07 -11.45
CA THR A 148 -21.69 -18.31 -12.65
C THR A 148 -22.80 -17.29 -12.42
N GLN A 149 -22.58 -16.09 -12.94
CA GLN A 149 -23.51 -14.97 -12.87
C GLN A 149 -23.71 -14.38 -14.25
N GLU A 150 -24.84 -13.68 -14.43
CA GLU A 150 -25.04 -12.90 -15.65
C GLU A 150 -23.93 -11.87 -15.78
N SER A 151 -23.34 -11.75 -16.96
CA SER A 151 -22.28 -10.76 -17.14
C SER A 151 -22.81 -9.35 -16.98
N ALA A 152 -24.02 -9.09 -17.49
CA ALA A 152 -24.55 -7.73 -17.50
C ALA A 152 -26.07 -7.79 -17.53
N LEU A 153 -26.69 -6.86 -16.81
CA LEU A 153 -28.14 -6.68 -16.82
C LEU A 153 -28.44 -5.19 -16.83
N THR A 154 -29.56 -4.82 -17.46
CA THR A 154 -30.02 -3.44 -17.47
C THR A 154 -31.44 -3.35 -16.91
N THR A 155 -31.70 -2.28 -16.17
CA THR A 155 -33.05 -1.93 -15.72
C THR A 155 -33.20 -0.42 -15.80
N SER A 156 -34.40 0.08 -15.52
CA SER A 156 -34.65 1.50 -15.41
C SER A 156 -35.13 1.83 -14.00
N PRO A 157 -34.97 3.08 -13.53
CA PRO A 157 -35.27 3.38 -12.13
C PRO A 157 -36.68 3.02 -11.72
N GLY A 158 -36.78 2.41 -10.54
CA GLY A 158 -38.06 2.05 -9.95
C GLY A 158 -38.57 0.68 -10.35
N GLU A 159 -38.02 0.11 -11.42
CA GLU A 159 -38.40 -1.23 -11.79
C GLU A 159 -37.61 -2.22 -10.93
N THR A 160 -38.00 -3.48 -10.98
CA THR A 160 -37.34 -4.51 -10.20
C THR A 160 -36.50 -5.41 -11.08
N VAL A 161 -35.31 -5.78 -10.59
CA VAL A 161 -34.38 -6.60 -11.35
C VAL A 161 -33.89 -7.74 -10.46
N THR A 162 -33.67 -8.91 -11.04
CA THR A 162 -33.20 -10.07 -10.31
C THR A 162 -31.89 -10.55 -10.93
N LEU A 163 -30.89 -10.73 -10.08
CA LEU A 163 -29.58 -11.25 -10.46
C LEU A 163 -29.46 -12.67 -9.91
N THR A 164 -28.85 -13.56 -10.66
CA THR A 164 -28.79 -14.95 -10.22
C THR A 164 -27.36 -15.46 -10.15
N CYS A 165 -27.23 -16.53 -9.38
CA CYS A 165 -25.95 -17.10 -8.99
C CYS A 165 -26.12 -18.61 -9.04
N ARG A 166 -25.36 -19.26 -9.92
CA ARG A 166 -25.48 -20.69 -10.18
C ARG A 166 -24.20 -21.41 -9.77
N SER A 167 -24.37 -22.63 -9.26
CA SER A 167 -23.28 -23.52 -8.90
C SER A 167 -23.13 -24.63 -9.95
N SER A 168 -21.88 -24.92 -10.32
CA SER A 168 -21.63 -26.00 -11.27
C SER A 168 -21.85 -27.37 -10.65
N THR A 169 -21.91 -27.47 -9.32
CA THR A 169 -22.03 -28.75 -8.66
C THR A 169 -23.46 -29.25 -8.57
N GLY A 170 -24.43 -28.38 -8.81
CA GLY A 170 -25.82 -28.71 -8.64
C GLY A 170 -26.60 -27.50 -8.18
N ALA A 171 -27.79 -27.75 -7.65
CA ALA A 171 -28.62 -26.66 -7.17
C ALA A 171 -27.92 -25.97 -6.00
N VAL A 172 -28.05 -24.65 -5.94
CA VAL A 172 -27.57 -23.91 -4.78
C VAL A 172 -28.48 -24.22 -3.60
N THR A 173 -27.88 -24.52 -2.46
CA THR A 173 -28.65 -24.82 -1.26
C THR A 173 -28.31 -23.80 -0.17
N THR A 174 -29.07 -23.86 0.92
CA THR A 174 -28.78 -22.99 2.05
C THR A 174 -27.40 -23.27 2.65
N SER A 175 -26.86 -24.48 2.45
CA SER A 175 -25.51 -24.79 2.90
C SER A 175 -24.43 -24.18 2.01
N ASN A 176 -24.80 -23.51 0.92
CA ASN A 176 -23.85 -22.69 0.17
C ASN A 176 -23.78 -21.26 0.67
N TYR A 177 -24.69 -20.87 1.57
CA TYR A 177 -24.66 -19.59 2.28
C TYR A 177 -24.36 -18.43 1.34
N ALA A 178 -25.16 -18.32 0.27
CA ALA A 178 -24.87 -17.37 -0.80
C ALA A 178 -24.66 -15.98 -0.22
N ASN A 179 -23.58 -15.35 -0.64
CA ASN A 179 -23.18 -14.08 -0.04
C ASN A 179 -23.27 -13.11 -1.21
N TRP A 180 -23.82 -11.91 -1.05
CA TRP A 180 -23.87 -10.93 -2.15
C TRP A 180 -23.14 -9.63 -1.77
N VAL A 181 -22.30 -9.14 -2.70
CA VAL A 181 -21.41 -7.99 -2.48
C VAL A 181 -21.52 -6.99 -3.63
N GLN A 182 -21.64 -5.70 -3.29
CA GLN A 182 -21.70 -4.62 -4.28
C GLN A 182 -20.34 -3.92 -4.38
N GLU A 183 -19.83 -3.76 -5.61
CA GLU A 183 -18.62 -3.00 -5.88
C GLU A 183 -18.96 -1.71 -6.62
N LYS A 184 -18.69 -0.59 -5.97
CA LYS A 184 -18.77 0.75 -6.56
C LYS A 184 -17.38 1.30 -6.86
N PRO A 185 -17.29 2.32 -7.74
CA PRO A 185 -15.99 2.83 -8.19
C PRO A 185 -15.06 3.23 -7.05
N ASP A 186 -13.76 3.18 -7.35
CA ASP A 186 -12.70 3.36 -6.37
C ASP A 186 -12.63 2.18 -5.42
N HIS A 187 -13.02 1.00 -5.92
CA HIS A 187 -12.79 -0.27 -5.22
C HIS A 187 -13.54 -0.30 -3.89
N LEU A 188 -14.78 0.18 -3.89
CA LEU A 188 -15.57 0.20 -2.68
C LEU A 188 -16.48 -1.03 -2.71
N PHE A 189 -16.17 -2.02 -1.86
CA PHE A 189 -16.94 -3.23 -1.75
C PHE A 189 -17.82 -3.14 -0.51
N SER A 190 -19.09 -3.50 -0.66
CA SER A 190 -20.04 -3.49 0.44
C SER A 190 -20.85 -4.77 0.39
N GLY A 191 -20.78 -5.57 1.46
CA GLY A 191 -21.63 -6.74 1.54
C GLY A 191 -23.09 -6.33 1.67
N LEU A 192 -23.94 -6.98 0.90
CA LEU A 192 -25.37 -6.72 0.93
C LEU A 192 -26.15 -7.81 1.63
N ILE A 193 -25.84 -9.07 1.32
CA ILE A 193 -26.61 -10.21 1.80
C ILE A 193 -25.63 -11.29 2.23
N SER A 194 -25.90 -11.97 3.34
CA SER A 194 -25.13 -13.16 3.71
C SER A 194 -26.09 -14.27 4.11
N GLY A 195 -25.60 -15.50 4.09
CA GLY A 195 -26.46 -16.62 4.50
C GLY A 195 -27.74 -16.73 3.71
N THR A 196 -27.65 -16.58 2.39
CA THR A 196 -28.77 -16.62 1.44
C THR A 196 -29.69 -15.41 1.54
N ASN A 197 -30.15 -15.04 2.73
CA ASN A 197 -31.21 -14.06 2.79
C ASN A 197 -31.11 -13.09 3.95
N ASN A 198 -29.96 -12.99 4.61
CA ASN A 198 -29.81 -12.09 5.76
C ASN A 198 -29.26 -10.77 5.24
N ARG A 199 -30.07 -9.72 5.35
CA ARG A 199 -29.67 -8.40 4.89
C ARG A 199 -28.74 -7.75 5.89
N ALA A 200 -27.64 -7.18 5.39
CA ALA A 200 -26.67 -6.55 6.26
C ALA A 200 -27.24 -5.28 6.89
N PRO A 201 -26.75 -4.89 8.07
CA PRO A 201 -27.22 -3.66 8.70
C PRO A 201 -26.94 -2.44 7.84
N GLY A 202 -27.92 -1.54 7.76
CA GLY A 202 -27.77 -0.32 7.00
C GLY A 202 -27.96 -0.47 5.50
N VAL A 203 -28.03 -1.70 5.00
CA VAL A 203 -28.30 -1.92 3.58
C VAL A 203 -29.77 -1.60 3.29
N PRO A 204 -30.08 -0.89 2.20
CA PRO A 204 -31.48 -0.55 1.92
C PRO A 204 -32.36 -1.80 1.88
N ALA A 205 -33.59 -1.62 2.33
CA ALA A 205 -34.56 -2.72 2.36
C ALA A 205 -34.85 -3.27 0.98
N ARG A 206 -34.56 -2.51 -0.08
CA ARG A 206 -34.86 -2.99 -1.43
C ARG A 206 -33.94 -4.11 -1.89
N PHE A 207 -32.88 -4.43 -1.17
CA PHE A 207 -32.05 -5.58 -1.52
C PHE A 207 -32.54 -6.80 -0.75
N SER A 208 -32.83 -7.89 -1.45
CA SER A 208 -33.21 -9.11 -0.76
C SER A 208 -32.60 -10.32 -1.45
N GLY A 209 -32.29 -11.34 -0.66
CA GLY A 209 -31.73 -12.58 -1.16
C GLY A 209 -32.70 -13.74 -0.96
N SER A 210 -32.65 -14.69 -1.89
CA SER A 210 -33.49 -15.86 -1.78
C SER A 210 -32.90 -16.98 -2.62
N LEU A 211 -33.51 -18.17 -2.53
CA LEU A 211 -33.28 -19.22 -3.50
C LEU A 211 -34.45 -19.26 -4.47
N ILE A 212 -34.15 -19.28 -5.76
CA ILE A 212 -35.16 -19.36 -6.81
C ILE A 212 -34.76 -20.51 -7.71
N GLY A 213 -35.61 -21.55 -7.75
CA GLY A 213 -35.23 -22.73 -8.51
C GLY A 213 -33.90 -23.30 -8.01
N ASP A 214 -32.99 -23.51 -8.95
CA ASP A 214 -31.66 -24.05 -8.64
C ASP A 214 -30.64 -22.95 -8.37
N THR A 215 -31.06 -21.70 -8.23
CA THR A 215 -30.13 -20.59 -8.15
C THR A 215 -30.29 -19.88 -6.81
N ALA A 216 -29.24 -19.16 -6.44
CA ALA A 216 -29.39 -18.08 -5.47
C ALA A 216 -29.70 -16.80 -6.24
N ALA A 217 -30.48 -15.91 -5.62
CA ALA A 217 -30.91 -14.73 -6.35
C ALA A 217 -30.88 -13.51 -5.45
N LEU A 218 -30.43 -12.40 -6.03
CA LEU A 218 -30.50 -11.08 -5.42
C LEU A 218 -31.56 -10.28 -6.17
N THR A 219 -32.60 -9.89 -5.46
CA THR A 219 -33.66 -9.10 -6.05
C THR A 219 -33.49 -7.67 -5.55
N ILE A 220 -33.42 -6.74 -6.49
CA ILE A 220 -33.39 -5.32 -6.21
C ILE A 220 -34.76 -4.78 -6.60
N THR A 221 -35.55 -4.47 -5.58
CA THR A 221 -36.93 -4.04 -5.76
C THR A 221 -36.96 -2.53 -5.91
N GLY A 222 -37.33 -2.04 -7.09
CA GLY A 222 -37.37 -0.61 -7.28
C GLY A 222 -35.98 -0.03 -7.40
N ALA A 223 -35.16 -0.62 -8.27
CA ALA A 223 -33.77 -0.22 -8.39
C ALA A 223 -33.64 1.28 -8.63
N GLN A 224 -32.64 1.89 -8.02
CA GLN A 224 -32.39 3.31 -8.14
C GLN A 224 -31.12 3.58 -8.94
N THR A 225 -30.99 4.81 -9.44
CA THR A 225 -29.81 5.17 -10.24
C THR A 225 -28.52 4.81 -9.50
N GLU A 226 -28.52 4.95 -8.17
CA GLU A 226 -27.32 4.71 -7.36
C GLU A 226 -26.94 3.24 -7.32
N ASP A 227 -27.84 2.33 -7.70
CA ASP A 227 -27.57 0.91 -7.66
C ASP A 227 -26.77 0.44 -8.87
N GLU A 228 -26.49 1.31 -9.83
CA GLU A 228 -25.61 0.96 -10.94
C GLU A 228 -24.23 0.62 -10.39
N ALA A 229 -23.78 -0.61 -10.62
CA ALA A 229 -22.60 -1.12 -9.91
C ALA A 229 -22.31 -2.54 -10.36
N ILE A 230 -21.24 -3.15 -9.83
CA ILE A 230 -20.97 -4.56 -10.09
C ILE A 230 -21.41 -5.35 -8.88
N TYR A 231 -22.07 -6.49 -9.09
CA TYR A 231 -22.56 -7.32 -8.00
C TYR A 231 -21.91 -8.69 -8.10
N PHE A 232 -21.23 -9.09 -7.04
CA PHE A 232 -20.60 -10.40 -6.94
C PHE A 232 -21.39 -11.30 -6.03
N CYS A 233 -21.48 -12.58 -6.41
CA CYS A 233 -21.99 -13.61 -5.52
C CYS A 233 -20.82 -14.48 -5.08
N ALA A 234 -20.94 -15.05 -3.89
CA ALA A 234 -19.96 -16.03 -3.45
C ALA A 234 -20.69 -17.18 -2.81
N LEU A 235 -20.22 -18.40 -3.08
CA LEU A 235 -20.82 -19.61 -2.53
C LEU A 235 -19.81 -20.39 -1.71
N TRP A 236 -20.30 -21.00 -0.63
CA TRP A 236 -19.49 -21.76 0.33
C TRP A 236 -19.62 -23.25 0.03
N TYR A 237 -18.47 -23.92 -0.07
CA TYR A 237 -18.39 -25.35 -0.40
C TYR A 237 -17.62 -26.07 0.71
N SER A 238 -18.27 -26.21 1.87
CA SER A 238 -17.78 -26.99 3.02
C SER A 238 -16.60 -26.35 3.73
N ASN A 239 -15.58 -25.91 2.98
CA ASN A 239 -14.39 -25.33 3.60
C ASN A 239 -13.71 -24.25 2.77
N HIS A 240 -14.39 -23.69 1.78
CA HIS A 240 -13.81 -22.60 1.01
C HIS A 240 -14.94 -21.82 0.33
N TRP A 241 -14.67 -20.55 0.06
CA TRP A 241 -15.53 -19.69 -0.75
C TRP A 241 -15.07 -19.67 -2.20
N VAL A 242 -16.04 -19.58 -3.12
CA VAL A 242 -15.78 -19.35 -4.54
C VAL A 242 -16.61 -18.16 -4.99
N PHE A 243 -15.96 -17.19 -5.61
CA PHE A 243 -16.66 -16.01 -6.14
C PHE A 243 -17.13 -16.26 -7.57
N GLY A 244 -18.32 -15.76 -7.88
CA GLY A 244 -18.74 -15.62 -9.26
C GLY A 244 -17.98 -14.53 -9.97
N GLY A 245 -18.24 -14.40 -11.27
CA GLY A 245 -17.53 -13.44 -12.09
C GLY A 245 -18.06 -12.03 -12.02
N GLY A 246 -19.16 -11.81 -11.31
CA GLY A 246 -19.78 -10.49 -11.19
C GLY A 246 -20.77 -10.19 -12.30
N SER A 247 -21.78 -9.41 -11.94
CA SER A 247 -22.79 -8.89 -12.86
C SER A 247 -22.72 -7.37 -12.86
N LYS A 248 -22.53 -6.78 -14.03
CA LYS A 248 -22.58 -5.32 -14.15
C LYS A 248 -24.03 -4.89 -14.35
N LEU A 249 -24.57 -4.16 -13.37
CA LEU A 249 -25.94 -3.64 -13.47
C LEU A 249 -25.90 -2.20 -13.93
N THR A 250 -26.56 -1.94 -15.06
CA THR A 250 -26.84 -0.60 -15.56
C THR A 250 -28.26 -0.19 -15.19
N VAL A 251 -28.42 1.01 -14.64
CA VAL A 251 -29.74 1.56 -14.34
C VAL A 251 -29.90 2.76 -15.26
N LEU A 252 -30.70 2.59 -16.31
CA LEU A 252 -30.83 3.55 -17.40
C LEU A 252 -32.09 4.38 -17.20
N GLY A 253 -31.92 5.65 -16.90
CA GLY A 253 -33.08 6.52 -16.77
C GLY A 253 -32.68 7.91 -16.35
N SER A 254 -33.46 8.90 -16.77
CA SER A 254 -33.14 10.29 -16.42
C SER A 254 -34.17 10.86 -15.46
N HIS A 255 -33.80 11.94 -14.77
CA HIS A 255 -34.75 12.62 -13.87
C HIS A 255 -35.78 13.32 -14.73
N HIS A 256 -37.00 13.42 -14.22
CA HIS A 256 -38.06 14.19 -14.93
C HIS A 256 -38.77 15.06 -13.90
N HIS A 257 -39.42 16.12 -14.35
CA HIS A 257 -40.02 17.09 -13.40
C HIS A 257 -41.01 16.43 -12.45
N HIS A 258 -40.89 16.72 -11.16
CA HIS A 258 -41.83 16.19 -10.15
C HIS A 258 -42.90 17.25 -9.90
N HIS A 259 -44.16 16.91 -10.15
CA HIS A 259 -45.29 17.85 -9.93
C HIS A 259 -45.91 17.56 -8.56
N HIS A 260 -46.30 18.61 -7.83
CA HIS A 260 -46.83 18.39 -6.45
C HIS A 260 -48.20 19.07 -6.27
N VAL B 19 14.18 12.65 -14.20
CA VAL B 19 13.32 13.58 -13.42
C VAL B 19 14.18 14.67 -12.79
N GLN B 20 13.65 15.88 -12.79
CA GLN B 20 14.32 17.00 -12.11
C GLN B 20 13.33 17.48 -11.06
N LEU B 21 13.82 17.74 -9.86
CA LEU B 21 12.91 18.14 -8.77
C LEU B 21 13.41 19.44 -8.17
N LYS B 22 12.48 20.33 -7.90
CA LYS B 22 12.86 21.55 -7.19
C LYS B 22 11.87 22.06 -6.14
N GLU B 23 12.37 22.37 -4.93
CA GLU B 23 11.56 22.82 -3.80
C GLU B 23 11.44 24.34 -3.71
N SER B 24 10.22 24.81 -3.39
CA SER B 24 9.94 26.21 -3.11
C SER B 24 9.23 26.31 -1.76
N GLY B 25 9.87 26.98 -0.79
CA GLY B 25 9.31 27.16 0.53
C GLY B 25 9.28 28.61 0.95
N PRO B 26 8.79 28.89 2.16
CA PRO B 26 8.61 30.27 2.61
C PRO B 26 9.83 30.90 3.26
N GLY B 27 10.88 30.13 3.51
CA GLY B 27 12.09 30.65 4.10
C GLY B 27 12.05 30.78 5.60
N LEU B 28 11.17 31.64 6.11
CA LEU B 28 10.99 31.86 7.53
C LEU B 28 9.52 31.67 7.89
N VAL B 29 9.28 30.98 8.99
CA VAL B 29 7.94 30.80 9.55
C VAL B 29 8.02 30.94 11.06
N ALA B 30 6.98 31.48 11.67
CA ALA B 30 6.95 31.61 13.11
C ALA B 30 6.40 30.35 13.75
N PRO B 31 6.84 29.99 14.97
CA PRO B 31 6.26 28.83 15.65
C PRO B 31 4.75 28.97 15.77
N SER B 32 4.06 27.84 15.58
CA SER B 32 2.62 27.65 15.59
C SER B 32 1.97 28.04 14.27
N GLN B 33 2.71 28.63 13.32
CA GLN B 33 2.15 28.85 12.00
C GLN B 33 2.24 27.55 11.21
N SER B 34 1.62 27.55 10.04
CA SER B 34 1.66 26.41 9.13
C SER B 34 2.61 26.70 7.97
N LEU B 35 2.98 25.63 7.28
CA LEU B 35 3.97 25.57 6.22
C LEU B 35 3.41 24.85 5.01
N SER B 36 3.70 25.37 3.80
CA SER B 36 3.53 24.62 2.57
C SER B 36 4.85 24.68 1.80
N ILE B 37 5.35 23.54 1.33
CA ILE B 37 6.51 23.49 0.45
C ILE B 37 6.05 22.83 -0.83
N THR B 38 6.38 23.45 -1.96
CA THR B 38 6.01 22.93 -3.27
C THR B 38 7.22 22.25 -3.89
N CYS B 39 7.03 21.03 -4.36
CA CYS B 39 8.03 20.30 -5.13
C CYS B 39 7.56 20.31 -6.57
N THR B 40 8.28 21.01 -7.45
CA THR B 40 7.94 21.04 -8.86
C THR B 40 8.72 19.93 -9.56
N VAL B 41 7.97 19.03 -10.18
CA VAL B 41 8.50 17.85 -10.84
C VAL B 41 8.59 18.14 -12.33
N SER B 42 9.76 17.90 -12.92
CA SER B 42 9.84 18.08 -14.37
C SER B 42 10.61 16.93 -14.97
N GLY B 43 10.48 16.76 -16.27
CA GLY B 43 11.32 15.80 -16.96
C GLY B 43 10.50 14.88 -17.84
N LEU B 44 11.12 13.78 -18.26
CA LEU B 44 10.52 12.90 -19.26
C LEU B 44 10.02 11.57 -18.70
N SER B 45 10.32 11.23 -17.45
CA SER B 45 9.86 9.98 -16.88
C SER B 45 9.63 10.19 -15.39
N LEU B 46 8.88 9.28 -14.79
CA LEU B 46 8.63 9.28 -13.35
C LEU B 46 9.11 7.97 -12.76
N PRO B 47 10.41 7.83 -12.49
CA PRO B 47 10.91 6.57 -11.94
C PRO B 47 10.39 6.37 -10.52
N GLY B 48 10.26 5.12 -10.14
CA GLY B 48 9.82 4.84 -8.80
C GLY B 48 8.31 4.85 -8.75
N TYR B 49 7.81 4.72 -7.52
CA TYR B 49 6.38 4.60 -7.28
C TYR B 49 5.75 5.83 -6.62
N GLY B 50 6.52 6.86 -6.30
CA GLY B 50 5.97 8.01 -5.63
C GLY B 50 7.05 9.02 -5.33
N VAL B 51 6.68 10.01 -4.52
CA VAL B 51 7.57 11.11 -4.16
C VAL B 51 7.71 11.12 -2.65
N ASN B 52 8.95 11.19 -2.16
CA ASN B 52 9.24 11.23 -0.75
C ASN B 52 9.67 12.63 -0.33
N TRP B 53 9.39 12.96 0.93
CA TRP B 53 9.87 14.17 1.58
C TRP B 53 10.78 13.76 2.73
N VAL B 54 11.95 14.41 2.79
CA VAL B 54 12.99 14.16 3.78
C VAL B 54 13.51 15.51 4.25
N ARG B 55 14.05 15.55 5.47
CA ARG B 55 14.66 16.78 5.94
C ARG B 55 15.97 16.48 6.67
N GLN B 56 16.79 17.51 6.77
CA GLN B 56 18.07 17.47 7.48
C GLN B 56 18.09 18.68 8.41
N PRO B 57 17.85 18.48 9.70
CA PRO B 57 17.93 19.58 10.65
C PRO B 57 19.37 20.05 10.76
N PRO B 58 19.63 21.27 11.19
CA PRO B 58 21.02 21.76 11.20
C PRO B 58 21.95 20.88 12.01
N GLY B 59 23.11 20.54 11.40
CA GLY B 59 24.18 19.70 11.91
C GLY B 59 23.87 18.22 12.05
N LYS B 60 22.57 17.85 11.98
CA LYS B 60 21.86 16.54 11.92
C LYS B 60 22.03 15.75 10.68
N GLY B 61 21.53 14.51 10.77
CA GLY B 61 21.43 13.57 9.66
C GLY B 61 20.07 13.66 8.98
N LEU B 62 19.83 12.76 8.03
CA LEU B 62 18.57 12.74 7.28
C LEU B 62 17.42 12.13 8.10
N GLU B 63 16.23 12.75 7.99
CA GLU B 63 15.00 12.25 8.61
C GLU B 63 13.92 12.12 7.54
N TRP B 64 13.29 10.94 7.46
CA TRP B 64 12.20 10.74 6.51
C TRP B 64 10.91 11.32 7.05
N LEU B 65 10.19 12.06 6.22
CA LEU B 65 8.93 12.69 6.60
C LEU B 65 7.71 11.97 6.05
N GLY B 66 7.73 11.62 4.77
CA GLY B 66 6.53 10.96 4.24
C GLY B 66 6.65 10.71 2.76
N MET B 67 5.69 9.97 2.24
CA MET B 67 5.67 9.66 0.82
C MET B 67 4.23 9.75 0.33
N ILE B 68 4.07 10.20 -0.91
CA ILE B 68 2.80 10.11 -1.62
C ILE B 68 3.03 9.23 -2.84
N TRP B 69 2.28 8.14 -2.93
CA TRP B 69 2.43 7.23 -4.04
C TRP B 69 1.67 7.77 -5.25
N ASP B 70 2.09 7.33 -6.44
CA ASP B 70 1.40 7.75 -7.66
C ASP B 70 -0.05 7.29 -7.65
N ASP B 71 -0.34 6.17 -6.96
CA ASP B 71 -1.70 5.66 -6.87
C ASP B 71 -2.53 6.33 -5.79
N GLY B 72 -1.97 7.32 -5.08
CA GLY B 72 -2.70 8.09 -4.09
C GLY B 72 -2.49 7.69 -2.64
N ARG B 73 -1.89 6.52 -2.37
CA ARG B 73 -1.57 6.16 -0.99
C ARG B 73 -0.61 7.18 -0.40
N THR B 74 -0.78 7.49 0.89
CA THR B 74 0.19 8.30 1.60
C THR B 74 0.71 7.53 2.81
N ASP B 75 1.97 7.77 3.15
CA ASP B 75 2.54 7.26 4.39
C ASP B 75 3.29 8.41 5.06
N TYR B 76 3.11 8.57 6.37
CA TYR B 76 3.74 9.66 7.10
C TYR B 76 4.54 9.10 8.28
N ASN B 77 5.61 9.80 8.63
CA ASN B 77 6.37 9.49 9.83
C ASN B 77 5.50 9.68 11.08
N SER B 78 5.37 8.60 11.87
CA SER B 78 4.49 8.64 13.03
C SER B 78 4.91 9.69 14.05
N ALA B 79 6.18 10.08 14.06
CA ALA B 79 6.69 11.09 14.97
C ALA B 79 6.11 12.47 14.70
N LEU B 80 5.48 12.68 13.56
CA LEU B 80 5.01 14.02 13.25
C LEU B 80 3.57 14.24 13.70
N LYS B 81 2.96 13.23 14.34
CA LYS B 81 1.67 13.36 15.04
C LYS B 81 0.59 14.08 14.23
N SER B 82 0.28 13.53 13.05
CA SER B 82 -0.82 14.05 12.23
C SER B 82 -0.67 15.48 11.75
N ARG B 83 0.42 16.17 12.09
CA ARG B 83 0.49 17.55 11.66
C ARG B 83 1.13 17.71 10.29
N LEU B 84 1.44 16.61 9.62
CA LEU B 84 2.02 16.63 8.28
C LEU B 84 1.07 15.93 7.31
N SER B 85 0.90 16.51 6.13
CA SER B 85 0.15 15.86 5.04
C SER B 85 0.85 16.15 3.72
N ILE B 86 0.66 15.26 2.77
CA ILE B 86 1.22 15.43 1.43
C ILE B 86 0.08 15.33 0.42
N SER B 87 0.11 16.22 -0.58
CA SER B 87 -0.89 16.17 -1.64
C SER B 87 -0.20 16.39 -2.97
N LYS B 88 -0.93 16.25 -4.07
CA LYS B 88 -0.30 16.41 -5.37
C LYS B 88 -1.30 16.97 -6.36
N ASP B 89 -0.77 17.55 -7.44
CA ASP B 89 -1.59 18.10 -8.52
C ASP B 89 -0.86 17.72 -9.80
N ASN B 90 -1.41 16.71 -10.50
CA ASN B 90 -0.72 16.21 -11.69
C ASN B 90 -0.81 17.20 -12.85
N SER B 91 -1.87 18.01 -12.91
CA SER B 91 -1.93 19.03 -13.95
C SER B 91 -0.87 20.09 -13.75
N LYS B 92 -0.54 20.41 -12.49
CA LYS B 92 0.52 21.35 -12.20
C LYS B 92 1.90 20.71 -12.15
N SER B 93 1.94 19.38 -12.20
CA SER B 93 3.18 18.61 -12.06
C SER B 93 3.89 18.98 -10.74
N GLN B 94 3.10 19.05 -9.66
CA GLN B 94 3.62 19.49 -8.38
C GLN B 94 3.14 18.58 -7.26
N VAL B 95 3.96 18.49 -6.22
CA VAL B 95 3.63 17.77 -4.99
C VAL B 95 3.81 18.76 -3.85
N PHE B 96 2.94 18.69 -2.83
CA PHE B 96 2.95 19.67 -1.77
C PHE B 96 3.14 18.98 -0.42
N LEU B 97 4.03 19.54 0.38
CA LEU B 97 4.21 19.12 1.77
C LEU B 97 3.52 20.19 2.61
N LYS B 98 2.63 19.77 3.50
CA LYS B 98 1.90 20.71 4.35
C LYS B 98 2.15 20.31 5.79
N MET B 99 2.50 21.28 6.62
CA MET B 99 2.77 21.00 8.02
C MET B 99 2.13 22.09 8.86
N ASN B 100 1.40 21.75 9.91
CA ASN B 100 0.83 22.80 10.74
C ASN B 100 1.47 22.81 12.11
N SER B 101 1.19 23.87 12.87
CA SER B 101 1.58 23.98 14.27
C SER B 101 3.10 23.76 14.42
N LEU B 102 3.85 24.55 13.65
CA LEU B 102 5.29 24.39 13.53
C LEU B 102 6.01 24.67 14.85
N GLN B 103 7.16 24.02 15.03
CA GLN B 103 7.97 24.14 16.22
C GLN B 103 9.38 24.53 15.82
N THR B 104 10.15 25.04 16.79
CA THR B 104 11.50 25.47 16.49
C THR B 104 12.32 24.31 15.92
N ASP B 105 12.10 23.11 16.44
CA ASP B 105 12.85 21.95 15.96
C ASP B 105 12.40 21.48 14.57
N ASP B 106 11.44 22.15 13.93
CA ASP B 106 11.15 21.87 12.53
C ASP B 106 12.09 22.61 11.59
N THR B 107 12.97 23.45 12.13
CA THR B 107 13.99 24.11 11.32
C THR B 107 14.88 23.07 10.65
N ALA B 108 14.98 23.15 9.32
CA ALA B 108 15.69 22.11 8.59
C ALA B 108 15.75 22.47 7.11
N ARG B 109 16.62 21.78 6.39
CA ARG B 109 16.53 21.76 4.95
C ARG B 109 15.57 20.65 4.54
N TYR B 110 14.60 20.97 3.69
CA TYR B 110 13.59 20.04 3.23
C TYR B 110 13.83 19.68 1.78
N TYR B 111 13.76 18.38 1.47
CA TYR B 111 14.06 17.84 0.14
C TYR B 111 12.90 16.96 -0.32
N CYS B 112 12.55 17.07 -1.61
CA CYS B 112 11.72 16.06 -2.22
C CYS B 112 12.59 15.14 -3.07
N VAL B 113 12.18 13.88 -3.14
CA VAL B 113 13.01 12.81 -3.67
C VAL B 113 12.13 11.88 -4.49
N ARG B 114 12.57 11.56 -5.69
CA ARG B 114 11.89 10.53 -6.47
C ARG B 114 12.92 9.48 -6.87
N ASN B 115 12.82 8.28 -6.28
CA ASN B 115 13.76 7.19 -6.56
C ASN B 115 15.17 7.68 -6.21
N VAL B 116 16.09 7.79 -7.17
CA VAL B 116 17.47 8.22 -6.87
C VAL B 116 17.67 9.71 -7.09
N TYR B 117 16.62 10.44 -7.43
CA TYR B 117 16.71 11.84 -7.85
C TYR B 117 16.29 12.73 -6.70
N TRP B 118 17.18 13.63 -6.30
CA TRP B 118 16.98 14.55 -5.20
C TRP B 118 16.86 15.99 -5.68
N GLY B 119 15.92 16.74 -5.09
CA GLY B 119 15.95 18.18 -5.24
C GLY B 119 17.15 18.78 -4.52
N GLN B 120 17.39 20.06 -4.80
CA GLN B 120 18.48 20.78 -4.15
C GLN B 120 18.16 21.07 -2.69
N GLY B 121 16.89 21.00 -2.31
CA GLY B 121 16.46 21.30 -0.96
C GLY B 121 16.19 22.78 -0.75
N THR B 122 15.40 23.06 0.28
CA THR B 122 15.14 24.45 0.66
C THR B 122 15.18 24.56 2.18
N LEU B 123 15.88 25.58 2.68
CA LEU B 123 15.96 25.80 4.11
C LEU B 123 14.69 26.47 4.63
N VAL B 124 14.08 25.86 5.65
CA VAL B 124 12.96 26.46 6.37
C VAL B 124 13.43 26.72 7.79
N THR B 125 13.34 27.97 8.24
CA THR B 125 13.72 28.35 9.59
C THR B 125 12.47 28.73 10.37
N VAL B 126 12.24 28.06 11.49
CA VAL B 126 11.13 28.38 12.38
C VAL B 126 11.69 29.25 13.51
N SER B 127 11.17 30.46 13.65
CA SER B 127 11.71 31.45 14.59
C SER B 127 12.01 30.82 15.93
N ALA B 128 13.25 30.95 16.38
CA ALA B 128 13.63 30.39 17.68
C ALA B 128 13.05 31.23 18.81
N GLN B 144 10.27 0.17 17.17
CA GLN B 144 10.42 0.73 15.83
C GLN B 144 11.81 0.38 15.29
N ALA B 145 11.93 0.25 13.97
CA ALA B 145 13.18 -0.23 13.43
C ALA B 145 14.25 0.86 13.43
N VAL B 146 15.49 0.43 13.64
CA VAL B 146 16.66 1.28 13.67
C VAL B 146 17.62 0.75 12.62
N VAL B 147 18.21 1.66 11.84
CA VAL B 147 19.16 1.30 10.80
C VAL B 147 20.54 1.78 11.21
N THR B 148 21.52 0.89 11.17
CA THR B 148 22.87 1.22 11.66
C THR B 148 23.93 1.09 10.57
N GLN B 149 24.79 2.11 10.52
CA GLN B 149 25.91 2.20 9.59
C GLN B 149 27.18 2.43 10.39
N GLU B 150 28.32 2.03 9.84
CA GLU B 150 29.59 2.39 10.46
C GLU B 150 29.70 3.91 10.54
N SER B 151 30.08 4.44 11.70
CA SER B 151 30.13 5.88 11.87
C SER B 151 31.20 6.51 10.98
N ALA B 152 32.35 5.86 10.84
CA ALA B 152 33.46 6.43 10.12
C ALA B 152 34.33 5.32 9.55
N LEU B 153 34.80 5.53 8.33
CA LEU B 153 35.73 4.62 7.70
C LEU B 153 36.80 5.45 7.02
N THR B 154 38.02 4.90 7.00
CA THR B 154 39.13 5.53 6.31
C THR B 154 39.64 4.58 5.26
N THR B 155 39.94 5.12 4.09
CA THR B 155 40.56 4.36 3.02
C THR B 155 41.62 5.25 2.37
N SER B 156 42.40 4.64 1.49
CA SER B 156 43.37 5.39 0.72
C SER B 156 43.07 5.24 -0.76
N PRO B 157 43.50 6.20 -1.57
CA PRO B 157 43.18 6.14 -3.01
C PRO B 157 43.62 4.81 -3.58
N GLY B 158 42.75 4.21 -4.39
CA GLY B 158 43.00 2.95 -5.04
C GLY B 158 42.57 1.71 -4.26
N GLU B 159 42.29 1.84 -2.97
CA GLU B 159 41.84 0.69 -2.21
C GLU B 159 40.34 0.45 -2.42
N THR B 160 39.89 -0.72 -1.95
CA THR B 160 38.48 -1.09 -1.97
C THR B 160 37.95 -0.97 -0.54
N VAL B 161 36.77 -0.35 -0.40
CA VAL B 161 36.16 -0.16 0.91
C VAL B 161 34.69 -0.51 0.81
N THR B 162 34.15 -1.12 1.87
CA THR B 162 32.73 -1.47 1.88
C THR B 162 32.06 -0.84 3.09
N LEU B 163 30.91 -0.20 2.84
CA LEU B 163 30.06 0.39 3.85
C LEU B 163 28.84 -0.51 4.01
N THR B 164 28.35 -0.72 5.23
CA THR B 164 27.23 -1.64 5.41
C THR B 164 26.08 -0.96 6.14
N CYS B 165 24.91 -1.59 6.03
CA CYS B 165 23.63 -1.03 6.45
C CYS B 165 22.87 -2.18 7.11
N ARG B 166 22.65 -2.07 8.43
CA ARG B 166 22.08 -3.13 9.23
C ARG B 166 20.70 -2.73 9.71
N SER B 167 19.80 -3.71 9.72
CA SER B 167 18.43 -3.55 10.22
C SER B 167 18.34 -4.15 11.61
N SER B 168 17.72 -3.42 12.55
CA SER B 168 17.58 -3.94 13.90
C SER B 168 16.57 -5.09 13.98
N THR B 169 15.72 -5.25 12.96
CA THR B 169 14.65 -6.23 12.98
C THR B 169 15.07 -7.62 12.49
N GLY B 170 16.22 -7.73 11.86
CA GLY B 170 16.64 -8.98 11.26
C GLY B 170 17.46 -8.71 10.02
N ALA B 171 17.57 -9.74 9.19
CA ALA B 171 18.36 -9.61 7.98
C ALA B 171 17.72 -8.61 7.03
N VAL B 172 18.56 -7.82 6.36
CA VAL B 172 18.07 -6.98 5.27
C VAL B 172 17.76 -7.85 4.06
N THR B 173 16.60 -7.63 3.44
CA THR B 173 16.23 -8.36 2.23
C THR B 173 15.96 -7.38 1.10
N THR B 174 15.77 -7.92 -0.10
CA THR B 174 15.42 -7.07 -1.23
C THR B 174 14.10 -6.32 -1.01
N SER B 175 13.23 -6.81 -0.12
CA SER B 175 12.00 -6.09 0.17
C SER B 175 12.22 -4.86 1.03
N ASN B 176 13.44 -4.62 1.52
CA ASN B 176 13.77 -3.36 2.16
C ASN B 176 14.24 -2.30 1.17
N TYR B 177 14.46 -2.67 -0.09
CA TYR B 177 14.78 -1.73 -1.16
C TYR B 177 15.89 -0.76 -0.75
N ALA B 178 17.02 -1.32 -0.33
CA ALA B 178 18.08 -0.50 0.22
C ALA B 178 18.46 0.61 -0.76
N ASN B 179 18.54 1.82 -0.23
CA ASN B 179 18.80 3.03 -0.98
C ASN B 179 20.08 3.67 -0.43
N TRP B 180 21.00 4.05 -1.30
CA TRP B 180 22.24 4.70 -0.89
C TRP B 180 22.31 6.08 -1.52
N VAL B 181 22.66 7.07 -0.68
CA VAL B 181 22.70 8.49 -1.04
C VAL B 181 24.02 9.09 -0.54
N GLN B 182 24.67 9.88 -1.40
CA GLN B 182 25.92 10.55 -1.07
C GLN B 182 25.65 12.02 -0.74
N GLU B 183 26.16 12.48 0.40
CA GLU B 183 26.08 13.87 0.82
C GLU B 183 27.42 14.47 0.47
N LYS B 184 27.36 15.41 -0.44
CA LYS B 184 28.07 16.23 -1.39
C LYS B 184 28.42 17.50 -0.63
N PRO B 185 29.63 18.05 -0.60
CA PRO B 185 29.84 19.22 0.25
C PRO B 185 29.01 20.41 -0.21
N ASP B 186 28.29 21.03 0.72
CA ASP B 186 28.11 20.52 2.08
C ASP B 186 26.65 20.22 2.48
N HIS B 187 25.66 20.41 1.58
CA HIS B 187 24.30 19.97 1.85
C HIS B 187 23.60 19.48 0.59
N LEU B 188 24.35 18.92 -0.34
CA LEU B 188 23.82 18.45 -1.61
C LEU B 188 23.77 16.93 -1.54
N PHE B 189 22.63 16.35 -1.83
CA PHE B 189 22.46 14.91 -1.82
C PHE B 189 22.27 14.37 -3.24
N SER B 190 22.91 13.24 -3.51
CA SER B 190 22.85 12.56 -4.80
C SER B 190 22.60 11.07 -4.57
N GLY B 191 21.53 10.55 -5.14
CA GLY B 191 21.27 9.13 -5.05
C GLY B 191 22.30 8.32 -5.82
N LEU B 192 22.83 7.29 -5.19
CA LEU B 192 23.82 6.41 -5.81
C LEU B 192 23.25 5.06 -6.19
N ILE B 193 22.47 4.47 -5.29
CA ILE B 193 21.94 3.12 -5.49
C ILE B 193 20.49 3.12 -5.04
N SER B 194 19.63 2.44 -5.79
CA SER B 194 18.27 2.18 -5.34
C SER B 194 17.97 0.70 -5.56
N GLY B 195 16.99 0.19 -4.82
CA GLY B 195 16.58 -1.20 -4.98
C GLY B 195 17.72 -2.20 -4.77
N THR B 196 18.50 -1.99 -3.71
CA THR B 196 19.63 -2.81 -3.32
C THR B 196 20.85 -2.66 -4.23
N ASN B 197 20.66 -2.75 -5.55
CA ASN B 197 21.84 -2.90 -6.40
C ASN B 197 21.75 -2.18 -7.73
N ASN B 198 20.82 -1.25 -7.89
CA ASN B 198 20.66 -0.52 -9.15
C ASN B 198 21.43 0.80 -9.08
N ARG B 199 22.48 0.94 -9.89
CA ARG B 199 23.29 2.14 -9.89
C ARG B 199 22.58 3.27 -10.64
N ALA B 200 22.57 4.45 -10.05
CA ALA B 200 21.95 5.61 -10.66
C ALA B 200 22.72 6.05 -11.90
N PRO B 201 22.05 6.74 -12.83
CA PRO B 201 22.75 7.22 -14.03
C PRO B 201 23.87 8.18 -13.67
N GLY B 202 25.01 8.03 -14.36
CA GLY B 202 26.15 8.88 -14.13
C GLY B 202 27.00 8.51 -12.94
N VAL B 203 26.55 7.60 -12.09
CA VAL B 203 27.38 7.19 -10.96
C VAL B 203 28.54 6.34 -11.48
N PRO B 204 29.78 6.59 -11.06
CA PRO B 204 30.92 5.81 -11.56
C PRO B 204 30.76 4.32 -11.29
N ALA B 205 31.24 3.51 -12.22
CA ALA B 205 31.15 2.06 -12.11
C ALA B 205 31.89 1.52 -10.88
N ARG B 206 32.75 2.32 -10.25
CA ARG B 206 33.46 1.85 -9.06
C ARG B 206 32.54 1.70 -7.84
N PHE B 207 31.31 2.18 -7.91
CA PHE B 207 30.31 1.99 -6.86
C PHE B 207 29.43 0.79 -7.20
N SER B 208 29.21 -0.09 -6.22
CA SER B 208 28.25 -1.17 -6.41
C SER B 208 27.47 -1.42 -5.12
N GLY B 209 26.22 -1.84 -5.27
CA GLY B 209 25.37 -2.18 -4.14
C GLY B 209 25.06 -3.66 -4.15
N SER B 210 24.96 -4.24 -2.96
CA SER B 210 24.64 -5.66 -2.86
C SER B 210 24.10 -5.97 -1.47
N LEU B 211 23.67 -7.21 -1.28
CA LEU B 211 23.44 -7.78 0.04
C LEU B 211 24.63 -8.66 0.41
N ILE B 212 25.17 -8.46 1.61
CA ILE B 212 26.29 -9.25 2.10
C ILE B 212 25.90 -9.76 3.48
N GLY B 213 25.84 -11.08 3.62
CA GLY B 213 25.36 -11.64 4.88
C GLY B 213 23.99 -11.08 5.17
N ASP B 214 23.80 -10.58 6.40
CA ASP B 214 22.50 -10.05 6.78
C ASP B 214 22.37 -8.54 6.57
N THR B 215 23.31 -7.89 5.87
CA THR B 215 23.30 -6.44 5.71
C THR B 215 23.25 -6.03 4.24
N ALA B 216 22.77 -4.81 3.99
CA ALA B 216 23.01 -4.20 2.69
C ALA B 216 24.40 -3.56 2.69
N ALA B 217 25.01 -3.47 1.50
CA ALA B 217 26.38 -2.99 1.40
C ALA B 217 26.58 -2.14 0.16
N LEU B 218 27.41 -1.09 0.32
CA LEU B 218 27.92 -0.26 -0.77
C LEU B 218 29.42 -0.44 -0.84
N THR B 219 29.93 -0.96 -1.95
CA THR B 219 31.35 -1.18 -2.15
C THR B 219 31.92 -0.18 -3.15
N ILE B 220 33.02 0.49 -2.77
CA ILE B 220 33.77 1.39 -3.63
C ILE B 220 35.07 0.69 -3.98
N THR B 221 35.19 0.23 -5.23
CA THR B 221 36.39 -0.46 -5.70
C THR B 221 37.29 0.58 -6.36
N GLY B 222 38.44 0.86 -5.76
CA GLY B 222 39.32 1.88 -6.29
C GLY B 222 38.95 3.29 -5.86
N ALA B 223 38.92 3.50 -4.53
CA ALA B 223 38.51 4.78 -3.97
C ALA B 223 39.34 5.93 -4.53
N GLN B 224 38.67 7.05 -4.76
CA GLN B 224 39.32 8.27 -5.19
C GLN B 224 39.07 9.36 -4.17
N THR B 225 39.92 10.40 -4.17
CA THR B 225 39.70 11.53 -3.26
C THR B 225 38.30 12.10 -3.42
N GLU B 226 37.67 11.94 -4.59
CA GLU B 226 36.32 12.42 -4.80
C GLU B 226 35.32 11.76 -3.88
N ASP B 227 35.61 10.56 -3.45
CA ASP B 227 34.63 9.81 -2.71
C ASP B 227 34.59 10.18 -1.24
N GLU B 228 35.49 11.04 -0.76
CA GLU B 228 35.40 11.53 0.61
C GLU B 228 34.10 12.27 0.77
N ALA B 229 33.23 11.76 1.64
CA ALA B 229 31.86 12.27 1.67
C ALA B 229 31.10 11.54 2.75
N ILE B 230 29.83 11.91 2.99
CA ILE B 230 29.02 11.14 3.91
C ILE B 230 28.04 10.30 3.10
N TYR B 231 27.87 9.03 3.48
CA TYR B 231 26.98 8.11 2.77
C TYR B 231 25.87 7.66 3.69
N PHE B 232 24.63 7.85 3.28
CA PHE B 232 23.45 7.42 4.03
C PHE B 232 22.81 6.23 3.34
N CYS B 233 22.36 5.25 4.12
CA CYS B 233 21.47 4.22 3.59
C CYS B 233 20.08 4.44 4.17
N ALA B 234 19.09 3.96 3.44
CA ALA B 234 17.71 3.98 3.90
C ALA B 234 17.05 2.65 3.54
N LEU B 235 16.22 2.16 4.45
CA LEU B 235 15.49 0.90 4.28
C LEU B 235 14.00 1.14 4.41
N TRP B 236 13.22 0.37 3.65
CA TRP B 236 11.77 0.47 3.66
C TRP B 236 11.19 -0.60 4.58
N TYR B 237 10.33 -0.17 5.50
CA TYR B 237 9.71 -1.03 6.51
C TYR B 237 8.19 -0.92 6.42
N SER B 238 7.62 -1.39 5.31
CA SER B 238 6.16 -1.53 5.10
C SER B 238 5.39 -0.23 4.98
N ASN B 239 5.66 0.75 5.85
CA ASN B 239 4.93 2.02 5.76
C ASN B 239 5.81 3.19 6.15
N HIS B 240 7.12 3.00 6.21
CA HIS B 240 8.01 4.13 6.43
C HIS B 240 9.40 3.76 5.96
N TRP B 241 10.15 4.78 5.55
CA TRP B 241 11.58 4.67 5.31
C TRP B 241 12.31 5.05 6.58
N VAL B 242 13.42 4.37 6.86
CA VAL B 242 14.29 4.70 7.98
C VAL B 242 15.69 4.91 7.44
N PHE B 243 16.29 6.06 7.78
CA PHE B 243 17.68 6.34 7.41
C PHE B 243 18.63 5.83 8.48
N GLY B 244 19.76 5.31 8.03
CA GLY B 244 20.87 5.11 8.93
C GLY B 244 21.47 6.45 9.34
N GLY B 245 22.42 6.38 10.25
CA GLY B 245 23.04 7.59 10.76
C GLY B 245 24.11 8.17 9.87
N GLY B 246 24.43 7.48 8.79
CA GLY B 246 25.45 7.93 7.86
C GLY B 246 26.83 7.44 8.21
N SER B 247 27.63 7.22 7.16
CA SER B 247 29.04 6.82 7.27
C SER B 247 29.88 7.92 6.65
N LYS B 248 30.77 8.52 7.49
CA LYS B 248 31.82 9.41 7.00
C LYS B 248 32.97 8.63 6.40
N LEU B 249 33.17 8.77 5.09
CA LEU B 249 34.29 8.13 4.44
C LEU B 249 35.38 9.17 4.28
N THR B 250 36.55 8.92 4.92
CA THR B 250 37.77 9.71 4.78
C THR B 250 38.66 9.02 3.76
N VAL B 251 39.17 9.78 2.79
CA VAL B 251 40.12 9.29 1.81
C VAL B 251 41.44 10.01 2.02
N LEU B 252 42.47 9.27 2.40
CA LEU B 252 43.72 9.89 2.84
C LEU B 252 44.47 10.50 1.67
#